data_8EZ8
#
_entry.id   8EZ8
#
_cell.length_a   1.00
_cell.length_b   1.00
_cell.length_c   1.00
_cell.angle_alpha   90.00
_cell.angle_beta   90.00
_cell.angle_gamma   90.00
#
_symmetry.space_group_name_H-M   'P 1'
#
loop_
_entity.id
_entity.type
_entity.pdbx_description
1 polymer 'Heavy chain of influenza virus neuraminidase antibody 3C08'
2 polymer 'Light chain of influenza virus neuraminidase antibody 3C08'
3 polymer Neuraminidase
4 branched alpha-D-mannopyranose-(1-2)-alpha-D-mannopyranose-(1-3)-beta-D-mannopyranose-(1-4)-2-acetamido-2-deoxy-beta-D-glucopyranose-(1-4)-2-acetamido-2-deoxy-beta-D-glucopyranose
5 non-polymer alpha-D-mannopyranose
6 non-polymer 2-acetamido-2-deoxy-beta-D-glucopyranose
#
loop_
_entity_poly.entity_id
_entity_poly.type
_entity_poly.pdbx_seq_one_letter_code
_entity_poly.pdbx_strand_id
1 'polypeptide(L)'
;QVQLQESGPGLVKPSETLSLTCAISGDSIRNSYWNWIRQPPGRGLEWIGYISNSGSTNYNPSLKGRVSMSLDTSKNQFSL
RLNSVTAADTAVYYCSRDKGGLRWGSRGSDVFDIWGQGTMVTVSS
;
H
2 'polypeptide(L)'
;SVLTQPPSASGTPGQGVTISCSGSTSNIGSNTVNWYQQLPGTAPKLLIYSNDQRPSGVPDRFSGSKSGTSASLAISGLQS
DDEADYHCAAWDDSLNGWVFGGGSRLTVL
;
L
3 'polypeptide(L)'
;AEYRNWSKPQCNITGFAPFSKDNSIRLSAGGDIWVTREPYVSCDPDKCYQFALGQGTTLNNGHSNDTVHDRTPYRTLLMN
ELGVPFHLGTKQVCIAWSSSSCHDGKAWLHVCVTGDDENATASFIYNGRLVDSIGSWSKKILRTQESECVCINGTCTVVM
TDGSASGKADTKILFIEEGKIVHTSPLSGSAQHVEECSCYPRYPGVRCVCRDNWKGSNRPIVDINVKDYSIVSSYVCSGL
VGDTPRKNDSSSSSHCLDPNNEEGGHGVKGWAFDDGNDVWMGRTISEKLRSGYETFKVIEGWSKPNSKLQINRQVIVDRG
NRSGYSGIFSVEGKSCINRCFYVELIRGRKQETEVLWTSNSIVVFCGTSGTYGTGSWPDGADINLMPI
;
A
#
# COMPACT_ATOMS: atom_id res chain seq x y z
N VAL A 2 23.94 6.15 7.83
CA VAL A 2 24.07 5.26 8.98
C VAL A 2 25.20 4.28 8.76
N GLN A 3 25.62 3.60 9.82
CA GLN A 3 26.72 2.63 9.76
C GLN A 3 26.35 1.44 10.63
N LEU A 4 26.30 0.26 10.02
CA LEU A 4 25.97 -0.96 10.73
C LEU A 4 27.24 -1.76 10.98
N GLN A 5 27.49 -2.11 12.24
CA GLN A 5 28.70 -2.81 12.65
C GLN A 5 28.30 -4.16 13.23
N GLU A 6 28.83 -5.24 12.66
CA GLU A 6 28.53 -6.58 13.17
C GLU A 6 29.58 -7.02 14.17
N SER A 7 29.15 -7.87 15.10
CA SER A 7 30.03 -8.39 16.14
C SER A 7 29.47 -9.73 16.61
N GLY A 8 30.28 -10.78 16.50
CA GLY A 8 29.85 -12.09 16.91
C GLY A 8 31.03 -13.02 17.14
N PRO A 9 30.77 -14.20 17.68
CA PRO A 9 31.84 -15.18 17.88
C PRO A 9 32.33 -15.71 16.54
N GLY A 10 33.64 -15.56 16.31
CA GLY A 10 34.22 -16.06 15.07
C GLY A 10 34.10 -17.57 14.96
N LEU A 11 34.20 -18.28 16.08
CA LEU A 11 34.11 -19.72 16.12
C LEU A 11 32.94 -20.12 17.02
N VAL A 12 32.08 -20.99 16.51
CA VAL A 12 30.94 -21.52 17.26
C VAL A 12 31.01 -23.04 17.20
N LYS A 13 30.89 -23.69 18.36
CA LYS A 13 30.90 -25.14 18.38
C LYS A 13 29.64 -25.69 17.73
N PRO A 14 29.73 -26.85 17.07
CA PRO A 14 28.54 -27.44 16.45
C PRO A 14 27.46 -27.75 17.48
N SER A 15 26.21 -27.61 17.05
CA SER A 15 24.99 -27.82 17.82
C SER A 15 24.80 -26.78 18.92
N GLU A 16 25.70 -25.81 19.05
CA GLU A 16 25.53 -24.74 20.02
C GLU A 16 24.65 -23.64 19.42
N THR A 17 24.58 -22.50 20.10
CA THR A 17 23.78 -21.37 19.67
C THR A 17 24.68 -20.20 19.28
N LEU A 18 24.49 -19.68 18.08
CA LEU A 18 25.26 -18.55 17.60
C LEU A 18 24.49 -17.24 17.86
N SER A 19 25.13 -16.34 18.60
CA SER A 19 24.53 -15.05 18.96
C SER A 19 25.35 -13.95 18.31
N LEU A 20 24.77 -13.30 17.30
CA LEU A 20 25.40 -12.19 16.62
C LEU A 20 24.71 -10.89 17.03
N THR A 21 25.43 -9.78 16.88
CA THR A 21 24.93 -8.47 17.24
C THR A 21 25.25 -7.49 16.13
N CYS A 22 24.34 -6.59 15.83
CA CYS A 22 24.56 -5.52 14.87
C CYS A 22 24.22 -4.19 15.55
N ALA A 23 25.21 -3.31 15.63
CA ALA A 23 25.05 -1.99 16.21
C ALA A 23 24.82 -0.97 15.10
N ILE A 24 23.87 -0.06 15.34
CA ILE A 24 23.40 0.88 14.33
C ILE A 24 23.72 2.29 14.81
N SER A 25 24.35 3.08 13.94
CA SER A 25 24.64 4.48 14.20
C SER A 25 23.72 5.35 13.34
N GLY A 26 23.87 6.66 13.49
CA GLY A 26 23.07 7.60 12.73
C GLY A 26 21.60 7.53 13.09
N ASP A 27 20.79 7.00 12.17
CA ASP A 27 19.37 6.85 12.42
C ASP A 27 19.12 5.76 13.46
N SER A 28 18.17 6.01 14.36
CA SER A 28 17.81 5.05 15.39
C SER A 28 17.00 3.92 14.79
N ILE A 29 16.95 2.80 15.52
CA ILE A 29 16.24 1.60 15.05
C ILE A 29 14.80 1.75 15.54
N ARG A 30 14.04 2.60 14.85
CA ARG A 30 12.62 2.71 15.13
C ARG A 30 11.77 2.96 13.88
N ASN A 31 12.35 2.93 12.68
CA ASN A 31 11.63 3.38 11.50
C ASN A 31 11.77 2.47 10.29
N SER A 32 12.53 1.39 10.37
CA SER A 32 12.76 0.54 9.21
C SER A 32 12.77 -0.91 9.65
N TYR A 33 12.81 -1.81 8.66
CA TYR A 33 12.98 -3.23 8.90
C TYR A 33 14.47 -3.55 8.87
N TRP A 34 14.90 -4.47 9.72
CA TRP A 34 16.30 -4.82 9.85
C TRP A 34 16.45 -6.30 9.55
N ASN A 35 17.22 -6.62 8.51
CA ASN A 35 17.38 -7.96 7.99
C ASN A 35 18.78 -8.48 8.27
N TRP A 36 18.88 -9.81 8.35
CA TRP A 36 20.16 -10.49 8.39
C TRP A 36 20.31 -11.32 7.12
N ILE A 37 21.46 -11.21 6.48
CA ILE A 37 21.79 -11.99 5.31
C ILE A 37 23.03 -12.81 5.65
N ARG A 38 23.17 -13.98 5.05
CA ARG A 38 24.34 -14.80 5.25
C ARG A 38 24.88 -15.28 3.90
N GLN A 39 26.20 -15.22 3.76
CA GLN A 39 26.87 -15.65 2.53
C GLN A 39 27.84 -16.76 2.89
N PRO A 40 27.53 -18.01 2.55
CA PRO A 40 28.51 -19.08 2.75
C PRO A 40 29.72 -18.84 1.88
N PRO A 41 30.90 -19.29 2.33
CA PRO A 41 32.11 -19.08 1.52
C PRO A 41 31.99 -19.75 0.16
N GLY A 42 32.27 -18.97 -0.89
CA GLY A 42 32.14 -19.48 -2.24
C GLY A 42 30.72 -19.73 -2.69
N ARG A 43 29.74 -19.05 -2.11
CA ARG A 43 28.34 -19.23 -2.46
C ARG A 43 27.66 -17.86 -2.48
N GLY A 44 26.39 -17.86 -2.89
CA GLY A 44 25.62 -16.63 -2.96
C GLY A 44 24.95 -16.29 -1.64
N LEU A 45 24.42 -15.07 -1.58
CA LEU A 45 23.77 -14.59 -0.37
C LEU A 45 22.50 -15.36 -0.09
N GLU A 46 22.20 -15.54 1.20
CA GLU A 46 20.99 -16.21 1.65
C GLU A 46 20.33 -15.33 2.71
N TRP A 47 19.02 -15.11 2.55
CA TRP A 47 18.27 -14.26 3.46
C TRP A 47 17.87 -15.03 4.70
N ILE A 48 18.14 -14.45 5.86
CA ILE A 48 17.82 -15.06 7.15
C ILE A 48 16.47 -14.62 7.66
N GLY A 49 16.24 -13.31 7.72
CA GLY A 49 14.98 -12.78 8.19
C GLY A 49 15.14 -11.36 8.67
N TYR A 50 14.00 -10.71 8.90
CA TYR A 50 14.00 -9.34 9.35
C TYR A 50 13.05 -9.18 10.53
N ILE A 51 13.29 -8.10 11.29
CA ILE A 51 12.46 -7.76 12.45
C ILE A 51 12.39 -6.25 12.56
N SER A 52 11.21 -5.74 12.87
CA SER A 52 10.99 -4.34 13.19
C SER A 52 10.51 -4.20 14.62
N ASN A 53 10.75 -3.03 15.21
CA ASN A 53 10.39 -2.82 16.61
C ASN A 53 8.89 -2.89 16.84
N SER A 54 8.09 -2.79 15.78
CA SER A 54 6.63 -2.91 15.89
C SER A 54 6.19 -4.33 16.22
N GLY A 55 7.10 -5.31 16.17
CA GLY A 55 6.75 -6.69 16.37
C GLY A 55 6.65 -7.49 15.09
N SER A 56 6.64 -6.82 13.93
CA SER A 56 6.60 -7.51 12.65
C SER A 56 7.91 -8.25 12.44
N THR A 57 7.86 -9.57 12.39
CA THR A 57 9.04 -10.39 12.19
C THR A 57 8.78 -11.37 11.05
N ASN A 58 9.86 -11.74 10.36
CA ASN A 58 9.78 -12.71 9.28
C ASN A 58 11.09 -13.48 9.24
N TYR A 59 10.99 -14.79 9.06
CA TYR A 59 12.16 -15.66 9.04
C TYR A 59 12.13 -16.53 7.79
N ASN A 60 13.32 -16.97 7.39
CA ASN A 60 13.43 -17.86 6.24
C ASN A 60 12.91 -19.24 6.61
N PRO A 61 11.90 -19.77 5.90
CA PRO A 61 11.43 -21.12 6.21
C PRO A 61 12.49 -22.19 6.03
N SER A 62 13.47 -21.97 5.14
CA SER A 62 14.53 -22.95 4.94
C SER A 62 15.40 -23.15 6.16
N LEU A 63 15.39 -22.19 7.09
CA LEU A 63 16.14 -22.34 8.33
C LEU A 63 15.47 -23.30 9.32
N LYS A 64 14.24 -23.73 9.05
CA LYS A 64 13.51 -24.67 9.89
C LYS A 64 13.27 -24.11 11.29
N GLY A 65 13.04 -22.80 11.37
CA GLY A 65 12.61 -22.18 12.61
C GLY A 65 13.62 -22.22 13.74
N ARG A 66 14.91 -22.36 13.45
CA ARG A 66 15.94 -22.32 14.46
C ARG A 66 16.51 -20.93 14.66
N VAL A 67 15.94 -19.92 14.01
CA VAL A 67 16.46 -18.57 14.06
C VAL A 67 15.60 -17.72 14.99
N SER A 68 16.24 -16.77 15.66
CA SER A 68 15.56 -15.84 16.55
C SER A 68 16.29 -14.51 16.49
N MET A 69 15.54 -13.43 16.30
CA MET A 69 16.13 -12.10 16.21
C MET A 69 15.37 -11.15 17.13
N SER A 70 16.11 -10.20 17.71
CA SER A 70 15.53 -9.28 18.67
C SER A 70 16.10 -7.89 18.43
N LEU A 71 15.39 -6.89 18.93
CA LEU A 71 15.77 -5.49 18.81
C LEU A 71 15.90 -4.87 20.20
N ASP A 72 16.78 -3.89 20.33
CA ASP A 72 17.00 -3.17 21.59
C ASP A 72 17.19 -1.70 21.21
N THR A 73 16.10 -0.93 21.30
CA THR A 73 16.16 0.49 20.97
C THR A 73 16.97 1.27 21.99
N SER A 74 17.00 0.81 23.24
CA SER A 74 17.79 1.49 24.27
C SER A 74 19.27 1.48 23.90
N LYS A 75 19.77 0.33 23.44
CA LYS A 75 21.14 0.22 22.98
C LYS A 75 21.31 0.57 21.51
N ASN A 76 20.20 0.80 20.78
CA ASN A 76 20.23 1.02 19.34
C ASN A 76 20.94 -0.12 18.63
N GLN A 77 20.57 -1.36 18.97
CA GLN A 77 21.22 -2.54 18.46
C GLN A 77 20.17 -3.60 18.15
N PHE A 78 20.57 -4.62 17.40
CA PHE A 78 19.68 -5.76 17.21
C PHE A 78 20.48 -7.01 16.92
N SER A 79 20.00 -8.13 17.45
CA SER A 79 20.79 -9.34 17.57
C SER A 79 20.08 -10.52 16.92
N LEU A 80 20.91 -11.48 16.50
CA LEU A 80 20.48 -12.74 15.91
C LEU A 80 20.84 -13.87 16.86
N ARG A 81 19.94 -14.83 17.00
CA ARG A 81 20.03 -15.89 18.02
C ARG A 81 19.88 -17.26 17.39
N LEU A 82 20.67 -17.54 16.35
CA LEU A 82 20.53 -18.80 15.63
C LEU A 82 20.77 -19.98 16.55
N ASN A 83 19.91 -20.99 16.46
CA ASN A 83 19.92 -22.11 17.38
C ASN A 83 20.35 -23.40 16.66
N SER A 84 21.08 -24.24 17.40
CA SER A 84 21.55 -25.54 16.92
C SER A 84 22.27 -25.42 15.58
N VAL A 85 23.37 -24.68 15.60
CA VAL A 85 24.14 -24.46 14.38
C VAL A 85 24.80 -25.76 13.94
N THR A 86 24.94 -25.93 12.63
CA THR A 86 25.57 -27.10 12.03
C THR A 86 26.80 -26.66 11.25
N ALA A 87 27.53 -27.64 10.71
CA ALA A 87 28.74 -27.36 9.95
C ALA A 87 28.46 -26.53 8.71
N ALA A 88 27.24 -26.56 8.19
CA ALA A 88 26.87 -25.79 7.01
C ALA A 88 26.41 -24.38 7.34
N ASP A 89 26.41 -24.01 8.63
CA ASP A 89 25.96 -22.69 9.05
C ASP A 89 27.06 -21.64 9.06
N THR A 90 28.31 -22.03 8.78
CA THR A 90 29.41 -21.08 8.74
C THR A 90 29.27 -20.19 7.51
N ALA A 91 29.41 -18.89 7.70
CA ALA A 91 29.19 -17.92 6.63
C ALA A 91 29.58 -16.54 7.13
N VAL A 92 29.57 -15.58 6.20
CA VAL A 92 29.72 -14.17 6.55
C VAL A 92 28.31 -13.64 6.77
N TYR A 93 28.05 -13.12 7.96
CA TYR A 93 26.72 -12.63 8.33
C TYR A 93 26.71 -11.12 8.23
N TYR A 94 25.89 -10.58 7.33
CA TYR A 94 25.70 -9.16 7.17
C TYR A 94 24.38 -8.74 7.80
N CYS A 95 24.34 -7.55 8.37
CA CYS A 95 23.11 -6.94 8.84
C CYS A 95 22.81 -5.75 7.95
N SER A 96 21.59 -5.71 7.40
CA SER A 96 21.22 -4.68 6.44
C SER A 96 19.86 -4.11 6.81
N ARG A 97 19.49 -3.03 6.13
CA ARG A 97 18.27 -2.30 6.41
C ARG A 97 17.38 -2.26 5.19
N ASP A 98 16.11 -2.57 5.39
CA ASP A 98 15.07 -2.41 4.37
C ASP A 98 14.22 -1.26 4.89
N LYS A 99 14.38 -0.08 4.29
CA LYS A 99 13.72 1.14 4.74
C LYS A 99 12.22 1.14 4.49
N GLY A 100 11.66 0.04 3.97
CA GLY A 100 10.27 0.02 3.57
C GLY A 100 10.15 -0.09 2.06
N GLY A 101 9.24 0.67 1.47
CA GLY A 101 9.08 0.65 0.04
C GLY A 101 8.36 -0.58 -0.46
N LEU A 102 7.62 -0.44 -1.56
CA LEU A 102 6.77 -1.52 -2.04
C LEU A 102 7.60 -2.72 -2.46
N ARG A 103 7.09 -3.92 -2.19
CA ARG A 103 7.76 -5.15 -2.55
C ARG A 103 6.95 -6.00 -3.52
N TRP A 104 5.79 -5.54 -3.95
CA TRP A 104 4.96 -6.25 -4.91
C TRP A 104 4.78 -5.40 -6.16
N GLY A 105 4.63 -6.08 -7.30
CA GLY A 105 4.33 -5.39 -8.53
C GLY A 105 5.56 -4.86 -9.24
N SER A 106 5.30 -3.93 -10.16
CA SER A 106 6.33 -3.37 -11.03
C SER A 106 7.19 -2.32 -10.35
N ARG A 107 6.81 -1.86 -9.16
CA ARG A 107 7.58 -0.85 -8.43
C ARG A 107 8.19 -1.47 -7.19
N GLY A 108 9.50 -1.34 -7.04
CA GLY A 108 10.18 -1.78 -5.85
C GLY A 108 10.77 -0.61 -5.08
N SER A 109 11.85 -0.87 -4.34
CA SER A 109 12.49 0.19 -3.58
C SER A 109 13.93 -0.21 -3.29
N ASP A 110 14.68 0.73 -2.73
CA ASP A 110 16.10 0.52 -2.43
C ASP A 110 16.23 -0.26 -1.12
N VAL A 111 15.90 -1.55 -1.22
CA VAL A 111 16.07 -2.44 -0.08
C VAL A 111 17.52 -2.88 0.00
N PHE A 112 17.99 -3.11 1.23
CA PHE A 112 19.39 -3.43 1.49
C PHE A 112 20.32 -2.35 0.93
N ASP A 113 19.89 -1.09 1.06
CA ASP A 113 20.71 0.01 0.60
C ASP A 113 21.98 0.15 1.44
N ILE A 114 21.86 -0.06 2.76
CA ILE A 114 22.98 0.02 3.68
C ILE A 114 23.23 -1.36 4.25
N TRP A 115 24.47 -1.82 4.14
CA TRP A 115 24.89 -3.12 4.66
C TRP A 115 25.87 -2.93 5.81
N GLY A 116 26.35 -4.04 6.35
CA GLY A 116 27.44 -4.03 7.30
C GLY A 116 28.62 -4.79 6.74
N GLN A 117 29.82 -4.52 7.25
CA GLN A 117 31.02 -5.16 6.71
C GLN A 117 31.00 -6.67 6.88
N GLY A 118 30.20 -7.19 7.80
CA GLY A 118 30.05 -8.62 7.95
C GLY A 118 30.98 -9.21 9.00
N THR A 119 30.61 -10.40 9.47
CA THR A 119 31.40 -11.15 10.44
C THR A 119 31.45 -12.59 9.97
N MET A 120 32.66 -13.16 9.94
CA MET A 120 32.86 -14.53 9.47
C MET A 120 32.63 -15.48 10.64
N VAL A 121 31.43 -16.06 10.71
CA VAL A 121 31.08 -17.03 11.74
C VAL A 121 31.47 -18.41 11.22
N THR A 122 32.43 -19.04 11.89
CA THR A 122 32.87 -20.38 11.57
C THR A 122 32.29 -21.35 12.57
N VAL A 123 31.93 -22.55 12.10
CA VAL A 123 31.39 -23.60 12.94
C VAL A 123 32.34 -24.79 12.85
N SER A 124 33.00 -25.10 13.96
CA SER A 124 33.96 -26.19 14.01
C SER A 124 34.28 -26.47 15.48
N SER A 125 35.22 -27.37 15.71
CA SER A 125 35.63 -27.73 17.06
C SER A 125 37.12 -27.53 17.26
CA SER B 1 18.97 -20.05 -4.32
C SER B 1 17.89 -20.30 -5.36
N VAL B 2 16.69 -19.78 -5.11
CA VAL B 2 15.60 -19.93 -6.06
C VAL B 2 15.92 -19.23 -7.37
N LEU B 3 16.46 -18.01 -7.29
CA LEU B 3 16.93 -17.33 -8.49
C LEU B 3 18.19 -18.01 -9.01
N THR B 4 18.29 -18.10 -10.34
CA THR B 4 19.40 -18.78 -10.99
C THR B 4 20.23 -17.76 -11.76
N GLN B 5 21.55 -17.84 -11.61
CA GLN B 5 22.48 -16.98 -12.31
C GLN B 5 23.60 -17.83 -12.91
N PRO B 6 24.21 -17.37 -14.00
CA PRO B 6 25.41 -18.02 -14.50
C PRO B 6 26.54 -17.91 -13.49
N PRO B 7 27.37 -18.94 -13.35
CA PRO B 7 28.50 -18.85 -12.41
C PRO B 7 29.41 -17.66 -12.67
N SER B 8 29.60 -17.28 -13.94
CA SER B 8 30.46 -16.15 -14.26
C SER B 8 29.98 -15.52 -15.56
N ALA B 9 30.37 -14.26 -15.76
CA ALA B 9 30.07 -13.53 -16.99
C ALA B 9 31.24 -12.61 -17.25
N SER B 10 31.84 -12.72 -18.43
CA SER B 10 33.08 -12.02 -18.75
C SER B 10 32.91 -11.15 -19.99
N GLY B 11 33.74 -10.11 -20.07
CA GLY B 11 33.72 -9.22 -21.21
C GLY B 11 34.99 -8.39 -21.26
N THR B 12 35.37 -8.01 -22.48
CA THR B 12 36.57 -7.21 -22.67
C THR B 12 36.33 -5.77 -22.21
N PRO B 13 37.38 -5.08 -21.77
CA PRO B 13 37.22 -3.67 -21.37
C PRO B 13 36.73 -2.82 -22.53
N GLY B 14 35.93 -1.81 -22.21
CA GLY B 14 35.31 -0.96 -23.20
C GLY B 14 33.99 -1.46 -23.74
N GLN B 15 33.79 -2.78 -23.71
CA GLN B 15 32.55 -3.38 -24.19
C GLN B 15 31.54 -3.46 -23.05
N GLY B 16 30.46 -4.21 -23.26
CA GLY B 16 29.44 -4.37 -22.24
C GLY B 16 29.02 -5.80 -22.01
N VAL B 17 28.70 -6.14 -20.76
CA VAL B 17 28.25 -7.48 -20.39
C VAL B 17 26.85 -7.39 -19.80
N THR B 18 26.04 -8.41 -20.09
CA THR B 18 24.71 -8.54 -19.52
C THR B 18 24.68 -9.78 -18.63
N ILE B 19 24.29 -9.58 -17.38
CA ILE B 19 24.13 -10.66 -16.40
C ILE B 19 22.65 -10.93 -16.23
N SER B 20 22.28 -12.21 -16.23
CA SER B 20 20.87 -12.61 -16.26
C SER B 20 20.51 -13.33 -14.97
N CYS B 21 19.41 -12.89 -14.35
CA CYS B 21 18.73 -13.61 -13.29
C CYS B 21 17.45 -14.23 -13.85
N SER B 22 17.25 -15.52 -13.59
CA SER B 22 16.05 -16.22 -14.04
C SER B 22 15.21 -16.57 -12.82
N GLY B 23 13.94 -16.16 -12.85
CA GLY B 23 13.04 -16.36 -11.73
C GLY B 23 11.76 -17.05 -12.14
N SER B 24 10.91 -17.28 -11.15
CA SER B 24 9.64 -17.95 -11.30
C SER B 24 8.51 -16.92 -11.31
N THR B 25 7.26 -17.41 -11.27
CA THR B 25 6.11 -16.50 -11.27
C THR B 25 6.00 -15.72 -9.96
N SER B 26 6.15 -16.41 -8.83
CA SER B 26 6.14 -15.73 -7.53
C SER B 26 7.53 -15.18 -7.23
N ASN B 27 8.07 -14.43 -8.19
CA ASN B 27 9.48 -14.09 -8.21
C ASN B 27 9.66 -12.89 -9.14
N ILE B 28 10.85 -12.74 -9.71
CA ILE B 28 11.17 -11.76 -10.74
C ILE B 28 10.01 -11.60 -11.73
N GLY B 29 9.30 -12.70 -12.00
CA GLY B 29 8.19 -12.63 -12.93
C GLY B 29 7.12 -11.63 -12.52
N SER B 30 6.83 -11.54 -11.21
CA SER B 30 5.80 -10.65 -10.72
C SER B 30 6.33 -9.50 -9.88
N ASN B 31 7.55 -9.60 -9.36
CA ASN B 31 8.13 -8.56 -8.52
C ASN B 31 9.36 -7.97 -9.18
N THR B 32 9.88 -6.90 -8.59
CA THR B 32 11.06 -6.23 -9.11
C THR B 32 12.32 -6.98 -8.69
N VAL B 33 13.44 -6.56 -9.28
CA VAL B 33 14.75 -7.17 -9.03
C VAL B 33 15.72 -6.07 -8.64
N ASN B 34 16.50 -6.30 -7.60
CA ASN B 34 17.56 -5.40 -7.18
C ASN B 34 18.90 -6.04 -7.45
N TRP B 35 19.80 -5.28 -8.06
CA TRP B 35 21.14 -5.75 -8.39
C TRP B 35 22.14 -5.13 -7.45
N TYR B 36 22.90 -6.00 -6.78
CA TYR B 36 23.87 -5.63 -5.76
C TYR B 36 25.28 -6.00 -6.24
N GLN B 37 26.22 -5.07 -6.07
CA GLN B 37 27.61 -5.31 -6.41
C GLN B 37 28.40 -5.59 -5.14
N GLN B 38 29.06 -6.74 -5.09
CA GLN B 38 29.90 -7.13 -3.97
C GLN B 38 31.34 -7.21 -4.47
N LEU B 39 32.14 -6.24 -4.06
CA LEU B 39 33.57 -6.31 -4.30
C LEU B 39 34.17 -7.45 -3.48
N PRO B 40 35.21 -8.12 -3.97
CA PRO B 40 35.80 -9.22 -3.20
C PRO B 40 36.35 -8.76 -1.86
N GLY B 41 35.74 -9.24 -0.78
CA GLY B 41 36.16 -8.92 0.57
C GLY B 41 35.33 -7.88 1.28
N THR B 42 34.44 -7.18 0.58
CA THR B 42 33.62 -6.13 1.17
C THR B 42 32.15 -6.52 1.12
N ALA B 43 31.30 -5.65 1.68
CA ALA B 43 29.87 -5.87 1.72
C ALA B 43 29.24 -5.55 0.37
N PRO B 44 28.15 -6.23 0.02
CA PRO B 44 27.43 -5.90 -1.22
C PRO B 44 26.89 -4.49 -1.18
N LYS B 45 26.85 -3.86 -2.36
CA LYS B 45 26.37 -2.49 -2.50
C LYS B 45 25.28 -2.45 -3.55
N LEU B 46 24.21 -1.71 -3.26
CA LEU B 46 23.10 -1.58 -4.20
C LEU B 46 23.55 -0.90 -5.50
N LEU B 47 23.21 -1.52 -6.62
CA LEU B 47 23.48 -0.96 -7.94
C LEU B 47 22.19 -0.59 -8.65
N ILE B 48 21.23 -1.49 -8.73
CA ILE B 48 19.98 -1.29 -9.47
C ILE B 48 18.82 -1.63 -8.55
N TYR B 49 17.76 -0.84 -8.60
CA TYR B 49 16.50 -1.20 -7.94
C TYR B 49 15.33 -0.83 -8.83
N SER B 50 14.24 -1.58 -8.66
CA SER B 50 13.02 -1.45 -9.47
C SER B 50 13.26 -1.71 -10.95
N ASN B 51 14.34 -2.42 -11.27
CA ASN B 51 14.71 -2.87 -12.60
C ASN B 51 15.19 -1.74 -13.50
N ASP B 52 15.02 -0.51 -13.07
CA ASP B 52 15.51 0.61 -13.87
C ASP B 52 16.25 1.66 -13.05
N GLN B 53 15.79 1.92 -11.83
CA GLN B 53 16.29 3.08 -11.08
C GLN B 53 17.72 2.84 -10.60
N ARG B 54 18.41 3.95 -10.34
CA ARG B 54 19.79 3.93 -9.88
C ARG B 54 19.88 4.76 -8.61
N PRO B 55 20.56 4.26 -7.58
CA PRO B 55 20.79 5.09 -6.38
C PRO B 55 21.70 6.27 -6.69
N SER B 56 21.58 7.30 -5.86
CA SER B 56 22.40 8.49 -6.04
C SER B 56 23.87 8.15 -5.81
N GLY B 57 24.65 8.08 -6.88
CA GLY B 57 26.04 7.72 -6.78
C GLY B 57 26.45 6.64 -7.77
N VAL B 58 25.52 5.74 -8.07
CA VAL B 58 25.79 4.66 -9.02
C VAL B 58 25.94 5.25 -10.42
N PRO B 59 27.00 4.90 -11.15
CA PRO B 59 27.19 5.49 -12.48
C PRO B 59 26.13 5.04 -13.47
N ASP B 60 25.93 5.88 -14.50
CA ASP B 60 24.94 5.59 -15.53
C ASP B 60 25.32 4.40 -16.40
N ARG B 61 26.56 3.91 -16.30
CA ARG B 61 26.96 2.75 -17.09
C ARG B 61 26.23 1.48 -16.68
N PHE B 62 25.64 1.45 -15.50
CA PHE B 62 24.85 0.31 -15.04
C PHE B 62 23.39 0.55 -15.40
N SER B 63 22.79 -0.40 -16.12
CA SER B 63 21.39 -0.30 -16.49
C SER B 63 20.72 -1.64 -16.24
N GLY B 64 19.39 -1.62 -16.11
CA GLY B 64 18.65 -2.83 -15.84
C GLY B 64 17.44 -2.95 -16.73
N SER B 65 16.97 -4.19 -16.88
CA SER B 65 15.75 -4.46 -17.64
C SER B 65 15.14 -5.75 -17.11
N LYS B 66 13.83 -5.88 -17.34
CA LYS B 66 13.11 -7.10 -16.98
C LYS B 66 12.30 -7.58 -18.19
N SER B 67 12.45 -8.86 -18.50
CA SER B 67 11.71 -9.53 -19.58
C SER B 67 10.94 -10.69 -18.95
N GLY B 68 9.64 -10.49 -18.75
CA GLY B 68 8.80 -11.53 -18.20
C GLY B 68 9.25 -12.01 -16.84
N THR B 69 9.76 -13.24 -16.79
CA THR B 69 10.27 -13.82 -15.56
C THR B 69 11.79 -13.86 -15.52
N SER B 70 12.44 -12.88 -16.13
CA SER B 70 13.90 -12.80 -16.11
C SER B 70 14.32 -11.34 -16.03
N ALA B 71 15.53 -11.11 -15.56
CA ALA B 71 16.08 -9.76 -15.42
C ALA B 71 17.51 -9.73 -15.95
N SER B 72 17.89 -8.58 -16.48
CA SER B 72 19.19 -8.39 -17.09
C SER B 72 19.83 -7.11 -16.57
N LEU B 73 21.11 -7.21 -16.22
CA LEU B 73 21.92 -6.07 -15.81
C LEU B 73 22.99 -5.86 -16.87
N ALA B 74 23.02 -4.66 -17.44
CA ALA B 74 23.95 -4.29 -18.51
C ALA B 74 24.98 -3.33 -17.95
N ILE B 75 26.26 -3.65 -18.17
CA ILE B 75 27.37 -2.85 -17.68
C ILE B 75 28.16 -2.35 -18.87
N SER B 76 27.90 -1.11 -19.29
CA SER B 76 28.70 -0.49 -20.33
C SER B 76 29.97 0.10 -19.71
N GLY B 77 30.94 0.40 -20.58
CA GLY B 77 32.22 0.91 -20.12
C GLY B 77 33.15 -0.20 -19.70
N LEU B 78 32.81 -0.88 -18.60
CA LEU B 78 33.51 -2.09 -18.17
C LEU B 78 35.00 -1.85 -17.94
N GLN B 79 35.30 -1.00 -16.96
CA GLN B 79 36.68 -0.84 -16.55
C GLN B 79 37.07 -2.00 -15.62
N SER B 80 38.35 -2.02 -15.23
CA SER B 80 38.82 -3.06 -14.32
C SER B 80 38.25 -2.93 -12.92
N ASP B 81 37.61 -1.79 -12.60
CA ASP B 81 37.04 -1.60 -11.28
C ASP B 81 35.75 -2.41 -11.09
N ASP B 82 35.14 -2.86 -12.18
CA ASP B 82 33.87 -3.56 -12.12
C ASP B 82 34.01 -5.05 -11.85
N GLU B 83 35.23 -5.57 -11.71
CA GLU B 83 35.42 -7.00 -11.44
C GLU B 83 34.92 -7.28 -10.03
N ALA B 84 33.72 -7.86 -9.94
CA ALA B 84 33.07 -8.10 -8.65
C ALA B 84 31.94 -9.09 -8.86
N ASP B 85 31.38 -9.56 -7.75
CA ASP B 85 30.22 -10.44 -7.80
C ASP B 85 28.96 -9.59 -7.91
N TYR B 86 27.96 -10.11 -8.63
CA TYR B 86 26.70 -9.41 -8.83
C TYR B 86 25.56 -10.31 -8.41
N HIS B 87 24.74 -9.83 -7.48
CA HIS B 87 23.64 -10.62 -6.92
C HIS B 87 22.32 -9.97 -7.28
N CYS B 88 21.33 -10.80 -7.60
CA CYS B 88 19.99 -10.34 -7.92
C CYS B 88 19.02 -10.79 -6.84
N ALA B 89 18.32 -9.83 -6.23
CA ALA B 89 17.38 -10.10 -5.16
C ALA B 89 15.98 -9.75 -5.60
N ALA B 90 15.05 -10.68 -5.42
CA ALA B 90 13.65 -10.47 -5.74
C ALA B 90 12.81 -10.84 -4.53
N TRP B 91 11.74 -10.08 -4.30
CA TRP B 91 10.83 -10.39 -3.19
C TRP B 91 9.95 -11.55 -3.60
N ASP B 92 10.24 -12.75 -3.08
CA ASP B 92 9.44 -13.92 -3.39
C ASP B 92 8.06 -13.81 -2.74
N ASP B 93 7.08 -14.44 -3.37
CA ASP B 93 5.72 -14.45 -2.87
C ASP B 93 5.29 -15.79 -2.30
N SER B 94 5.92 -16.89 -2.73
CA SER B 94 5.60 -18.20 -2.18
C SER B 94 6.26 -18.45 -0.84
N LEU B 95 7.24 -17.63 -0.46
CA LEU B 95 7.89 -17.73 0.84
C LEU B 95 7.85 -16.43 1.62
N ASN B 96 7.31 -15.36 1.04
CA ASN B 96 7.12 -14.09 1.74
C ASN B 96 8.44 -13.53 2.26
N GLY B 97 9.49 -13.63 1.47
CA GLY B 97 10.80 -13.14 1.84
C GLY B 97 11.60 -12.72 0.62
N TRP B 98 12.92 -12.78 0.76
CA TRP B 98 13.84 -12.39 -0.31
C TRP B 98 14.61 -13.60 -0.79
N VAL B 99 14.84 -13.67 -2.09
CA VAL B 99 15.66 -14.72 -2.70
C VAL B 99 16.77 -14.06 -3.50
N PHE B 100 17.98 -14.59 -3.37
CA PHE B 100 19.15 -14.03 -4.03
C PHE B 100 19.66 -14.91 -5.16
N GLY B 101 20.03 -16.16 -4.85
CA GLY B 101 20.57 -17.04 -5.88
C GLY B 101 21.77 -16.48 -6.59
N GLY B 102 22.59 -15.68 -5.91
CA GLY B 102 23.73 -15.03 -6.54
C GLY B 102 24.88 -15.98 -6.78
N GLY B 103 25.96 -15.41 -7.28
CA GLY B 103 27.15 -16.18 -7.58
C GLY B 103 27.85 -15.73 -8.85
N SER B 104 27.24 -14.80 -9.58
CA SER B 104 27.80 -14.33 -10.84
C SER B 104 29.02 -13.46 -10.57
N ARG B 105 30.20 -13.94 -10.95
CA ARG B 105 31.43 -13.19 -10.82
C ARG B 105 31.83 -12.64 -12.19
N LEU B 106 32.03 -11.33 -12.26
CA LEU B 106 32.37 -10.67 -13.51
C LEU B 106 33.87 -10.49 -13.60
N THR B 107 34.47 -10.98 -14.68
CA THR B 107 35.89 -10.82 -14.95
C THR B 107 36.07 -9.99 -16.21
N VAL B 108 37.00 -9.05 -16.16
CA VAL B 108 37.27 -8.13 -17.26
C VAL B 108 38.70 -8.39 -17.72
N LEU B 109 38.86 -9.11 -18.82
CA LEU B 109 40.18 -9.37 -19.39
C LEU B 109 40.56 -8.29 -20.38
N ALA C 1 -20.41 -21.31 4.60
CA ALA C 1 -19.65 -20.14 4.16
C ALA C 1 -18.15 -20.38 4.31
N GLU C 2 -17.36 -19.69 3.49
CA GLU C 2 -15.92 -19.83 3.50
C GLU C 2 -15.26 -18.45 3.49
N TYR C 3 -14.05 -18.39 4.01
CA TYR C 3 -13.29 -17.15 4.01
C TYR C 3 -12.85 -16.76 2.61
N ARG C 4 -12.91 -15.47 2.30
CA ARG C 4 -12.45 -14.98 1.01
C ARG C 4 -10.93 -14.95 0.99
N ASN C 5 -10.34 -15.51 -0.05
CA ASN C 5 -8.90 -15.51 -0.23
C ASN C 5 -8.43 -14.51 -1.27
N TRP C 6 -9.28 -14.17 -2.24
CA TRP C 6 -8.92 -13.28 -3.34
C TRP C 6 -7.71 -13.80 -4.11
N SER C 7 -7.56 -15.13 -4.16
CA SER C 7 -6.42 -15.74 -4.83
C SER C 7 -6.52 -15.67 -6.35
N LYS C 8 -7.67 -15.29 -6.88
CA LYS C 8 -7.83 -15.19 -8.32
C LYS C 8 -7.02 -14.00 -8.86
N PRO C 9 -6.47 -14.13 -10.07
CA PRO C 9 -5.73 -13.00 -10.66
C PRO C 9 -6.66 -11.86 -11.02
N GLN C 10 -6.09 -10.67 -11.06
CA GLN C 10 -6.82 -9.47 -11.46
C GLN C 10 -6.95 -9.47 -12.97
N CYS C 11 -8.18 -9.54 -13.47
CA CYS C 11 -8.40 -9.65 -14.91
C CYS C 11 -8.15 -8.30 -15.59
N ASN C 12 -8.05 -8.37 -16.92
CA ASN C 12 -7.68 -7.20 -17.70
C ASN C 12 -8.73 -6.10 -17.58
N ILE C 13 -8.26 -4.86 -17.47
CA ILE C 13 -9.13 -3.69 -17.38
C ILE C 13 -8.81 -2.79 -18.56
N THR C 14 -9.82 -2.53 -19.40
CA THR C 14 -9.70 -1.59 -20.49
C THR C 14 -10.50 -0.31 -20.25
N GLY C 15 -11.22 -0.23 -19.14
CA GLY C 15 -12.02 0.94 -18.85
C GLY C 15 -13.04 0.61 -17.78
N PHE C 16 -13.95 1.56 -17.56
CA PHE C 16 -14.96 1.43 -16.52
C PHE C 16 -16.34 1.72 -17.10
N ALA C 17 -17.28 0.81 -16.86
CA ALA C 17 -18.67 0.94 -17.28
C ALA C 17 -19.55 1.21 -16.07
N PRO C 18 -20.63 1.98 -16.24
CA PRO C 18 -21.50 2.28 -15.10
C PRO C 18 -22.09 1.01 -14.51
N PHE C 19 -22.19 0.99 -13.18
CA PHE C 19 -22.67 -0.19 -12.49
C PHE C 19 -23.85 0.14 -11.59
N SER C 20 -23.87 1.35 -11.02
CA SER C 20 -24.96 1.71 -10.12
C SER C 20 -25.02 3.22 -9.97
N LYS C 21 -26.19 3.69 -9.55
CA LYS C 21 -26.40 5.10 -9.24
C LYS C 21 -27.40 5.18 -8.09
N ASP C 22 -27.36 6.31 -7.39
CA ASP C 22 -28.19 6.50 -6.20
C ASP C 22 -29.41 7.37 -6.46
N ASN C 23 -29.22 8.53 -7.11
CA ASN C 23 -30.28 9.51 -7.29
C ASN C 23 -30.88 9.96 -5.97
N SER C 24 -30.08 9.89 -4.90
CA SER C 24 -30.60 10.15 -3.57
C SER C 24 -31.08 11.60 -3.43
N ILE C 25 -30.33 12.56 -3.97
CA ILE C 25 -30.71 13.95 -3.82
C ILE C 25 -31.98 14.25 -4.62
N ARG C 26 -32.11 13.68 -5.82
CA ARG C 26 -33.31 13.89 -6.61
C ARG C 26 -34.55 13.32 -5.92
N LEU C 27 -34.43 12.12 -5.36
CA LEU C 27 -35.54 11.52 -4.61
C LEU C 27 -35.79 12.24 -3.29
N SER C 28 -34.81 12.98 -2.78
CA SER C 28 -34.97 13.66 -1.51
C SER C 28 -35.98 14.80 -1.58
N ALA C 29 -36.22 15.35 -2.77
CA ALA C 29 -37.16 16.46 -2.90
C ALA C 29 -38.59 16.02 -2.58
N GLY C 30 -38.91 14.74 -2.79
CA GLY C 30 -40.24 14.25 -2.51
C GLY C 30 -40.29 13.13 -1.49
N GLY C 31 -39.20 12.36 -1.38
CA GLY C 31 -39.13 11.25 -0.46
C GLY C 31 -38.53 11.64 0.88
N ASP C 32 -38.26 10.62 1.68
CA ASP C 32 -37.62 10.78 2.98
C ASP C 32 -36.28 10.05 2.92
N ILE C 33 -35.24 10.77 2.47
CA ILE C 33 -33.92 10.20 2.24
C ILE C 33 -32.95 10.76 3.26
N TRP C 34 -32.11 9.90 3.81
CA TRP C 34 -31.13 10.29 4.81
C TRP C 34 -30.15 11.32 4.24
N VAL C 35 -29.73 12.24 5.09
CA VAL C 35 -28.61 13.11 4.77
C VAL C 35 -27.32 12.34 5.05
N THR C 36 -26.52 12.12 4.01
CA THR C 36 -25.37 11.24 4.10
C THR C 36 -24.12 11.94 3.59
N ARG C 37 -22.98 11.45 4.03
CA ARG C 37 -21.68 11.93 3.56
C ARG C 37 -20.67 10.79 3.69
N GLU C 38 -19.60 10.89 2.92
CA GLU C 38 -18.49 9.94 2.97
C GLU C 38 -18.95 8.49 2.82
N PRO C 39 -19.49 8.13 1.66
CA PRO C 39 -20.00 6.77 1.46
C PRO C 39 -18.90 5.83 0.96
N TYR C 40 -19.28 4.57 0.81
CA TYR C 40 -18.42 3.57 0.19
C TYR C 40 -19.26 2.36 -0.17
N VAL C 41 -18.64 1.42 -0.86
CA VAL C 41 -19.30 0.21 -1.35
C VAL C 41 -18.46 -0.99 -0.95
N SER C 42 -19.11 -2.01 -0.39
CA SER C 42 -18.44 -3.25 -0.06
C SER C 42 -19.33 -4.41 -0.46
N CYS C 43 -18.72 -5.45 -1.02
CA CYS C 43 -19.49 -6.55 -1.59
C CYS C 43 -19.23 -7.83 -0.80
N ASP C 44 -20.31 -8.45 -0.33
CA ASP C 44 -20.24 -9.79 0.23
C ASP C 44 -20.25 -10.79 -0.93
N PRO C 45 -19.80 -12.03 -0.69
CA PRO C 45 -19.58 -12.97 -1.81
C PRO C 45 -20.77 -13.18 -2.72
N ASP C 46 -21.94 -12.66 -2.40
CA ASP C 46 -23.11 -12.81 -3.25
C ASP C 46 -23.62 -11.50 -3.85
N LYS C 47 -23.32 -10.36 -3.25
CA LYS C 47 -24.01 -9.12 -3.61
C LYS C 47 -23.34 -7.94 -2.94
N CYS C 48 -23.55 -6.76 -3.51
CA CYS C 48 -22.85 -5.54 -3.09
C CYS C 48 -23.76 -4.64 -2.28
N TYR C 49 -23.21 -4.05 -1.22
CA TYR C 49 -23.90 -3.14 -0.33
C TYR C 49 -23.24 -1.77 -0.38
N GLN C 50 -24.03 -0.74 -0.16
CA GLN C 50 -23.55 0.62 -0.05
C GLN C 50 -23.71 1.12 1.38
N PHE C 51 -22.66 1.76 1.89
CA PHE C 51 -22.60 2.34 3.22
C PHE C 51 -22.41 3.85 3.12
N ALA C 52 -22.87 4.55 4.15
CA ALA C 52 -22.68 5.98 4.25
C ALA C 52 -22.66 6.36 5.72
N LEU C 53 -22.30 7.61 5.99
CA LEU C 53 -22.29 8.15 7.34
C LEU C 53 -23.41 9.19 7.42
N GLY C 54 -24.61 8.71 7.75
CA GLY C 54 -25.74 9.59 7.85
C GLY C 54 -25.65 10.53 9.03
N GLN C 55 -26.17 11.74 8.84
CA GLN C 55 -26.14 12.79 9.85
C GLN C 55 -27.24 12.62 10.91
N GLY C 56 -27.86 11.44 10.97
CA GLY C 56 -28.96 11.23 11.88
C GLY C 56 -30.19 12.04 11.58
N THR C 57 -30.47 12.27 10.29
CA THR C 57 -31.64 13.04 9.88
C THR C 57 -31.91 12.77 8.41
N THR C 58 -33.09 13.19 7.97
CA THR C 58 -33.46 13.12 6.56
C THR C 58 -33.29 14.49 5.91
N LEU C 59 -33.30 14.50 4.58
CA LEU C 59 -33.05 15.74 3.86
C LEU C 59 -34.22 16.70 4.00
N ASN C 60 -35.45 16.21 3.93
CA ASN C 60 -36.63 17.04 4.13
C ASN C 60 -36.99 17.05 5.62
N ASN C 61 -36.12 17.71 6.39
CA ASN C 61 -36.23 17.71 7.84
C ASN C 61 -35.65 19.01 8.38
N GLY C 62 -36.08 19.38 9.59
CA GLY C 62 -35.52 20.54 10.24
C GLY C 62 -34.15 20.32 10.85
N HIS C 63 -33.76 19.05 11.03
CA HIS C 63 -32.44 18.72 11.55
C HIS C 63 -31.38 18.62 10.47
N SER C 64 -31.76 18.66 9.20
CA SER C 64 -30.79 18.69 8.12
C SER C 64 -30.06 20.03 8.04
N ASN C 65 -30.55 21.05 8.74
CA ASN C 65 -29.88 22.33 8.79
C ASN C 65 -28.50 22.19 9.44
N ASP C 66 -27.49 22.80 8.82
CA ASP C 66 -26.12 22.77 9.31
C ASP C 66 -25.62 21.34 9.49
N THR C 67 -25.78 20.53 8.45
CA THR C 67 -25.29 19.15 8.45
C THR C 67 -23.93 19.04 7.76
N VAL C 68 -23.13 20.11 7.80
CA VAL C 68 -21.81 20.11 7.17
C VAL C 68 -20.72 19.62 8.09
N HIS C 69 -20.98 19.53 9.40
CA HIS C 69 -19.95 19.14 10.35
C HIS C 69 -19.63 17.65 10.22
N ASP C 70 -18.33 17.34 10.18
CA ASP C 70 -17.92 15.98 9.89
C ASP C 70 -18.10 15.03 11.06
N ARG C 71 -18.18 15.54 12.29
CA ARG C 71 -18.25 14.71 13.49
C ARG C 71 -19.31 15.26 14.42
N THR C 72 -20.43 14.57 14.51
CA THR C 72 -21.51 14.84 15.45
C THR C 72 -21.86 13.56 16.18
N PRO C 73 -22.42 13.66 17.39
CA PRO C 73 -22.79 12.43 18.12
C PRO C 73 -23.86 11.62 17.42
N TYR C 74 -24.64 12.22 16.53
CA TYR C 74 -25.78 11.57 15.91
C TYR C 74 -25.46 10.88 14.59
N ARG C 75 -24.23 10.99 14.09
CA ARG C 75 -23.88 10.32 12.84
C ARG C 75 -23.87 8.82 13.03
N THR C 76 -24.44 8.10 12.06
CA THR C 76 -24.53 6.65 12.14
C THR C 76 -24.14 6.05 10.80
N LEU C 77 -23.61 4.84 10.83
CA LEU C 77 -23.25 4.12 9.62
C LEU C 77 -24.48 3.46 9.04
N LEU C 78 -24.96 3.99 7.92
CA LEU C 78 -26.09 3.42 7.20
C LEU C 78 -25.59 2.41 6.17
N MET C 79 -26.32 1.31 6.05
CA MET C 79 -25.93 0.21 5.16
C MET C 79 -27.17 -0.34 4.49
N ASN C 80 -27.13 -0.51 3.18
CA ASN C 80 -28.22 -1.21 2.51
C ASN C 80 -27.74 -1.74 1.16
N GLU C 81 -28.68 -2.21 0.36
CA GLU C 81 -28.38 -2.75 -0.96
C GLU C 81 -27.78 -1.68 -1.85
N LEU C 82 -26.89 -2.09 -2.73
CA LEU C 82 -26.36 -1.17 -3.73
C LEU C 82 -27.46 -0.86 -4.75
N GLY C 83 -27.97 0.37 -4.72
CA GLY C 83 -29.05 0.76 -5.59
C GLY C 83 -30.26 1.29 -4.84
N VAL C 84 -30.57 0.70 -3.70
CA VAL C 84 -31.67 1.17 -2.86
C VAL C 84 -31.24 2.46 -2.16
N PRO C 85 -31.98 3.54 -2.31
CA PRO C 85 -31.62 4.80 -1.63
C PRO C 85 -31.79 4.68 -0.13
N PHE C 86 -31.07 5.55 0.59
CA PHE C 86 -31.08 5.56 2.04
C PHE C 86 -32.41 6.13 2.53
N HIS C 87 -33.42 5.26 2.57
CA HIS C 87 -34.73 5.64 3.05
C HIS C 87 -34.85 5.31 4.54
N LEU C 88 -36.04 5.51 5.10
CA LEU C 88 -36.23 5.32 6.54
C LEU C 88 -36.09 3.87 6.96
N GLY C 89 -36.16 2.92 6.02
CA GLY C 89 -35.95 1.53 6.35
C GLY C 89 -34.51 1.09 6.39
N THR C 90 -33.57 2.00 6.21
CA THR C 90 -32.16 1.67 6.20
C THR C 90 -31.70 1.22 7.58
N LYS C 91 -30.78 0.27 7.60
CA LYS C 91 -30.24 -0.29 8.84
C LYS C 91 -29.00 0.49 9.25
N GLN C 92 -29.07 1.17 10.39
CA GLN C 92 -27.91 1.85 10.97
C GLN C 92 -27.13 0.82 11.77
N VAL C 93 -26.04 0.31 11.18
CA VAL C 93 -25.34 -0.81 11.79
C VAL C 93 -24.50 -0.41 12.99
N CYS C 94 -24.18 0.87 13.14
CA CYS C 94 -23.36 1.33 14.27
C CYS C 94 -23.37 2.84 14.32
N ILE C 95 -22.83 3.38 15.41
CA ILE C 95 -22.63 4.82 15.58
C ILE C 95 -21.21 5.14 15.14
N ALA C 96 -21.08 6.08 14.20
CA ALA C 96 -19.77 6.40 13.66
C ALA C 96 -19.84 7.69 12.86
N TRP C 97 -18.81 8.53 13.02
CA TRP C 97 -18.49 9.55 12.02
C TRP C 97 -17.23 9.19 11.24
N SER C 98 -16.76 7.96 11.37
CA SER C 98 -15.64 7.44 10.58
C SER C 98 -15.73 5.93 10.61
N SER C 99 -16.00 5.31 9.47
CA SER C 99 -16.33 3.90 9.47
C SER C 99 -15.55 3.16 8.40
N SER C 100 -15.54 1.83 8.54
CA SER C 100 -14.94 0.94 7.56
C SER C 100 -15.64 -0.40 7.65
N SER C 101 -16.44 -0.75 6.65
CA SER C 101 -17.23 -1.96 6.65
C SER C 101 -16.76 -2.87 5.53
N CYS C 102 -16.67 -4.17 5.82
CA CYS C 102 -16.17 -5.11 4.83
C CYS C 102 -16.42 -6.56 5.27
N HIS C 103 -16.67 -7.42 4.29
CA HIS C 103 -17.14 -8.78 4.53
C HIS C 103 -16.02 -9.77 4.29
N ASP C 104 -15.85 -10.72 5.22
CA ASP C 104 -14.77 -11.69 5.17
C ASP C 104 -15.20 -13.03 4.58
N GLY C 105 -16.38 -13.09 3.97
CA GLY C 105 -16.92 -14.33 3.46
C GLY C 105 -17.81 -15.09 4.42
N LYS C 106 -17.84 -14.71 5.68
CA LYS C 106 -18.70 -15.34 6.68
C LYS C 106 -19.60 -14.35 7.39
N ALA C 107 -19.11 -13.15 7.70
CA ALA C 107 -19.92 -12.13 8.37
C ALA C 107 -19.29 -10.77 8.11
N TRP C 108 -20.10 -9.73 8.30
CA TRP C 108 -19.63 -8.37 8.12
C TRP C 108 -18.79 -7.93 9.30
N LEU C 109 -17.75 -7.13 9.04
CA LEU C 109 -16.99 -6.45 10.07
C LEU C 109 -17.12 -4.96 9.86
N HIS C 110 -17.45 -4.24 10.93
CA HIS C 110 -17.64 -2.79 10.90
C HIS C 110 -16.72 -2.17 11.95
N VAL C 111 -15.78 -1.34 11.51
CA VAL C 111 -14.99 -0.52 12.41
C VAL C 111 -15.66 0.85 12.44
N CYS C 112 -16.13 1.27 13.61
CA CYS C 112 -16.91 2.49 13.74
C CYS C 112 -16.28 3.37 14.81
N VAL C 113 -15.93 4.60 14.45
CA VAL C 113 -15.27 5.52 15.36
C VAL C 113 -16.26 6.60 15.75
N THR C 114 -16.46 6.78 17.04
CA THR C 114 -17.41 7.75 17.55
C THR C 114 -16.85 8.36 18.83
N GLY C 115 -17.64 9.23 19.45
CA GLY C 115 -17.23 9.89 20.68
C GLY C 115 -16.64 11.25 20.42
N ASP C 116 -15.94 11.74 21.45
CA ASP C 116 -15.31 13.04 21.35
C ASP C 116 -14.10 12.99 20.42
N ASP C 117 -13.74 14.16 19.87
CA ASP C 117 -12.60 14.22 18.97
C ASP C 117 -11.30 13.85 19.68
N GLU C 118 -11.09 14.40 20.88
CA GLU C 118 -9.88 14.09 21.63
C GLU C 118 -9.93 12.68 22.20
N ASN C 119 -11.09 12.26 22.70
CA ASN C 119 -11.27 10.95 23.30
C ASN C 119 -12.30 10.21 22.45
N ALA C 120 -11.84 9.29 21.60
CA ALA C 120 -12.70 8.62 20.65
C ALA C 120 -12.60 7.12 20.82
N THR C 121 -13.70 6.43 20.52
CA THR C 121 -13.78 4.98 20.61
C THR C 121 -13.96 4.38 19.22
N ALA C 122 -13.13 3.41 18.90
CA ALA C 122 -13.25 2.63 17.66
C ALA C 122 -13.77 1.26 18.05
N SER C 123 -15.03 1.00 17.73
CA SER C 123 -15.69 -0.26 18.03
C SER C 123 -15.62 -1.17 16.82
N PHE C 124 -15.22 -2.42 17.04
CA PHE C 124 -15.09 -3.42 16.00
C PHE C 124 -16.23 -4.42 16.20
N ILE C 125 -17.23 -4.33 15.34
CA ILE C 125 -18.45 -5.10 15.42
C ILE C 125 -18.42 -6.17 14.34
N TYR C 126 -18.42 -7.43 14.73
CA TYR C 126 -18.36 -8.55 13.81
C TYR C 126 -19.57 -9.44 14.03
N ASN C 127 -20.19 -9.87 12.92
CA ASN C 127 -21.36 -10.74 12.96
C ASN C 127 -22.52 -10.11 13.74
N GLY C 128 -22.63 -8.78 13.66
CA GLY C 128 -23.71 -8.07 14.31
C GLY C 128 -23.52 -7.77 15.78
N ARG C 129 -22.41 -8.18 16.37
CA ARG C 129 -22.14 -7.94 17.78
C ARG C 129 -20.80 -7.25 17.95
N LEU C 130 -20.72 -6.40 18.98
CA LEU C 130 -19.48 -5.69 19.29
C LEU C 130 -18.47 -6.68 19.83
N VAL C 131 -17.37 -6.88 19.11
CA VAL C 131 -16.39 -7.89 19.47
C VAL C 131 -15.15 -7.24 20.09
N ASP C 132 -14.84 -6.02 19.67
CA ASP C 132 -13.66 -5.37 20.22
C ASP C 132 -13.86 -3.86 20.25
N SER C 133 -12.91 -3.18 20.90
CA SER C 133 -12.91 -1.72 20.94
C SER C 133 -11.52 -1.24 21.33
N ILE C 134 -11.14 -0.09 20.77
CA ILE C 134 -9.90 0.58 21.15
C ILE C 134 -10.19 2.06 21.32
N GLY C 135 -9.26 2.74 21.99
CA GLY C 135 -9.37 4.17 22.19
C GLY C 135 -8.31 4.93 21.41
N SER C 136 -8.46 6.24 21.40
CA SER C 136 -7.50 7.10 20.71
C SER C 136 -6.14 6.99 21.38
N TRP C 137 -5.09 6.76 20.58
CA TRP C 137 -3.74 6.67 21.10
C TRP C 137 -2.97 7.98 20.99
N SER C 138 -3.32 8.83 20.02
CA SER C 138 -2.75 10.17 19.93
C SER C 138 -3.67 11.26 20.44
N LYS C 139 -4.92 10.91 20.77
CA LYS C 139 -5.90 11.86 21.33
C LYS C 139 -6.13 13.04 20.40
N LYS C 140 -6.22 12.77 19.09
CA LYS C 140 -6.52 13.82 18.12
C LYS C 140 -7.30 13.20 16.97
N ILE C 141 -8.63 13.24 17.06
CA ILE C 141 -9.55 12.80 16.01
C ILE C 141 -9.12 11.47 15.40
N LEU C 142 -9.37 10.38 16.11
CA LEU C 142 -9.13 9.06 15.56
C LEU C 142 -10.08 8.81 14.38
N ARG C 143 -9.56 8.18 13.34
CA ARG C 143 -10.34 7.95 12.12
C ARG C 143 -9.92 6.63 11.51
N THR C 144 -10.53 6.29 10.38
CA THR C 144 -10.25 5.04 9.69
C THR C 144 -10.33 5.30 8.19
N GLN C 145 -10.38 4.22 7.41
CA GLN C 145 -10.24 4.32 5.96
C GLN C 145 -11.36 5.12 5.31
N GLU C 146 -12.53 5.18 5.93
CA GLU C 146 -13.75 5.73 5.33
C GLU C 146 -14.14 4.96 4.07
N SER C 147 -13.64 3.73 3.92
CA SER C 147 -13.98 2.87 2.80
C SER C 147 -14.01 1.44 3.31
N GLU C 148 -14.08 0.49 2.38
CA GLU C 148 -14.10 -0.92 2.75
C GLU C 148 -12.72 -1.38 3.20
N CYS C 149 -12.70 -2.27 4.18
CA CYS C 149 -11.47 -2.98 4.52
C CYS C 149 -11.32 -4.22 3.64
N VAL C 150 -10.20 -4.91 3.79
CA VAL C 150 -9.90 -6.09 2.99
C VAL C 150 -9.58 -7.23 3.94
N CYS C 151 -10.25 -8.36 3.75
CA CYS C 151 -10.04 -9.56 4.56
C CYS C 151 -9.46 -10.65 3.69
N ILE C 152 -8.23 -11.05 3.99
CA ILE C 152 -7.59 -12.19 3.35
C ILE C 152 -7.60 -13.33 4.35
N ASN C 153 -8.23 -14.45 3.96
CA ASN C 153 -8.29 -15.65 4.80
C ASN C 153 -8.91 -15.38 6.16
N GLY C 154 -9.84 -14.43 6.22
CA GLY C 154 -10.50 -14.06 7.45
C GLY C 154 -9.76 -13.06 8.30
N THR C 155 -8.55 -12.64 7.90
CA THR C 155 -7.76 -11.67 8.65
C THR C 155 -7.96 -10.30 8.01
N CYS C 156 -8.96 -9.57 8.48
CA CYS C 156 -9.24 -8.25 7.92
C CYS C 156 -8.18 -7.26 8.37
N THR C 157 -7.89 -6.29 7.50
CA THR C 157 -6.91 -5.25 7.80
C THR C 157 -7.56 -3.88 7.67
N VAL C 158 -7.46 -3.08 8.72
CA VAL C 158 -7.99 -1.73 8.69
C VAL C 158 -6.86 -0.74 8.95
N VAL C 159 -7.01 0.47 8.42
CA VAL C 159 -6.02 1.52 8.55
C VAL C 159 -6.62 2.62 9.42
N MET C 160 -6.02 2.85 10.59
CA MET C 160 -6.53 3.80 11.56
C MET C 160 -5.52 4.91 11.75
N THR C 161 -5.96 6.15 11.54
CA THR C 161 -5.10 7.31 11.66
C THR C 161 -5.51 8.11 12.90
N ASP C 162 -4.52 8.59 13.65
CA ASP C 162 -4.78 9.41 14.83
C ASP C 162 -3.74 10.53 14.85
N GLY C 163 -4.19 11.77 14.81
CA GLY C 163 -3.27 12.88 14.86
C GLY C 163 -3.78 14.05 14.05
N SER C 164 -2.91 15.03 13.86
CA SER C 164 -3.27 16.25 13.16
C SER C 164 -3.58 15.96 11.69
N ALA C 165 -4.52 16.74 11.16
CA ALA C 165 -4.87 16.67 9.75
C ALA C 165 -3.96 17.52 8.87
N SER C 166 -3.01 18.24 9.46
CA SER C 166 -2.07 19.06 8.72
C SER C 166 -0.64 18.88 9.24
N GLY C 167 -0.35 17.71 9.80
CA GLY C 167 0.96 17.45 10.35
C GLY C 167 1.16 15.97 10.54
N LYS C 168 2.27 15.62 11.20
CA LYS C 168 2.57 14.21 11.45
C LYS C 168 1.49 13.57 12.30
N ALA C 169 1.04 12.39 11.88
CA ALA C 169 0.02 11.63 12.59
C ALA C 169 0.44 10.18 12.66
N ASP C 170 -0.01 9.48 13.70
CA ASP C 170 0.32 8.07 13.90
C ASP C 170 -0.72 7.24 13.17
N THR C 171 -0.27 6.47 12.19
CA THR C 171 -1.15 5.59 11.43
C THR C 171 -0.80 4.15 11.74
N LYS C 172 -1.79 3.37 12.14
CA LYS C 172 -1.59 1.98 12.53
C LYS C 172 -2.50 1.09 11.68
N ILE C 173 -1.94 -0.02 11.23
CA ILE C 173 -2.69 -1.05 10.53
C ILE C 173 -3.10 -2.09 11.56
N LEU C 174 -4.40 -2.25 11.76
CA LEU C 174 -4.95 -3.20 12.72
C LEU C 174 -5.38 -4.44 11.97
N PHE C 175 -4.80 -5.58 12.35
CA PHE C 175 -5.17 -6.89 11.82
C PHE C 175 -6.19 -7.49 12.79
N ILE C 176 -7.38 -7.78 12.28
CA ILE C 176 -8.52 -8.19 13.07
C ILE C 176 -8.98 -9.56 12.58
N GLU C 177 -9.09 -10.52 13.49
CA GLU C 177 -9.53 -11.87 13.16
C GLU C 177 -10.87 -12.11 13.85
N GLU C 178 -11.94 -12.21 13.04
CA GLU C 178 -13.30 -12.44 13.54
C GLU C 178 -13.70 -11.38 14.57
N GLY C 179 -13.38 -10.13 14.29
CA GLY C 179 -13.75 -9.02 15.15
C GLY C 179 -12.80 -8.77 16.30
N LYS C 180 -11.84 -9.64 16.54
CA LYS C 180 -10.86 -9.47 17.59
C LYS C 180 -9.55 -8.98 17.00
N ILE C 181 -9.04 -7.87 17.52
CA ILE C 181 -7.80 -7.29 17.01
C ILE C 181 -6.65 -8.21 17.39
N VAL C 182 -6.11 -8.93 16.42
CA VAL C 182 -5.00 -9.83 16.69
C VAL C 182 -3.64 -9.15 16.58
N HIS C 183 -3.52 -8.11 15.75
CA HIS C 183 -2.22 -7.47 15.63
C HIS C 183 -2.40 -5.98 15.33
N THR C 184 -1.36 -5.21 15.62
CA THR C 184 -1.32 -3.78 15.31
C THR C 184 0.09 -3.41 14.90
N SER C 185 0.25 -2.86 13.71
CA SER C 185 1.56 -2.48 13.19
C SER C 185 1.54 -1.02 12.78
N PRO C 186 2.36 -0.16 13.39
CA PRO C 186 2.42 1.24 12.94
C PRO C 186 2.93 1.33 11.52
N LEU C 187 2.47 2.36 10.81
CA LEU C 187 2.87 2.57 9.43
C LEU C 187 4.37 2.78 9.33
N SER C 188 5.00 2.06 8.40
CA SER C 188 6.43 2.17 8.16
C SER C 188 6.68 2.33 6.67
N GLY C 189 7.71 3.10 6.33
CA GLY C 189 8.02 3.34 4.93
C GLY C 189 8.22 4.80 4.59
N SER C 190 8.00 5.15 3.33
CA SER C 190 8.26 6.50 2.84
C SER C 190 7.05 7.42 2.92
N ALA C 191 5.89 6.93 3.37
CA ALA C 191 4.70 7.76 3.46
C ALA C 191 4.73 8.56 4.74
N GLN C 192 4.70 9.89 4.61
CA GLN C 192 4.75 10.77 5.76
C GLN C 192 3.38 11.16 6.29
N HIS C 193 2.31 10.82 5.58
CA HIS C 193 0.95 11.09 6.05
C HIS C 193 0.01 10.15 5.30
N VAL C 194 -0.64 9.26 6.04
CA VAL C 194 -1.55 8.27 5.47
C VAL C 194 -2.93 8.47 6.10
N GLU C 195 -3.94 8.63 5.26
CA GLU C 195 -5.28 8.93 5.74
C GLU C 195 -6.29 8.59 4.66
N GLU C 196 -7.37 7.92 5.07
CA GLU C 196 -8.48 7.56 4.18
C GLU C 196 -7.99 6.71 3.00
N CYS C 197 -7.48 5.53 3.33
CA CYS C 197 -6.93 4.62 2.34
C CYS C 197 -8.04 3.94 1.55
N SER C 198 -7.80 3.77 0.25
CA SER C 198 -8.69 3.01 -0.62
C SER C 198 -8.05 1.64 -0.85
N CYS C 199 -8.26 0.74 0.11
CA CYS C 199 -7.61 -0.56 0.09
C CYS C 199 -8.29 -1.51 -0.89
N TYR C 200 -7.50 -2.42 -1.44
CA TYR C 200 -7.97 -3.49 -2.29
C TYR C 200 -7.04 -4.68 -2.15
N PRO C 201 -7.58 -5.89 -2.28
CA PRO C 201 -6.72 -7.09 -2.17
C PRO C 201 -5.80 -7.22 -3.38
N ARG C 202 -4.52 -7.46 -3.10
CA ARG C 202 -3.53 -7.77 -4.13
C ARG C 202 -2.78 -8.98 -3.58
N TYR C 203 -3.24 -10.18 -3.93
CA TYR C 203 -2.79 -11.40 -3.30
C TYR C 203 -1.27 -11.50 -3.38
N PRO C 204 -0.58 -11.94 -2.31
CA PRO C 204 -1.12 -12.45 -1.04
C PRO C 204 -1.38 -11.39 0.04
N GLY C 205 -1.46 -10.11 -0.29
CA GLY C 205 -1.70 -9.10 0.72
C GLY C 205 -2.72 -8.05 0.33
N VAL C 206 -2.58 -6.84 0.89
CA VAL C 206 -3.51 -5.75 0.65
C VAL C 206 -2.70 -4.55 0.17
N ARG C 207 -3.26 -3.78 -0.76
CA ARG C 207 -2.64 -2.56 -1.24
C ARG C 207 -3.62 -1.42 -1.08
N CYS C 208 -3.18 -0.34 -0.43
CA CYS C 208 -4.05 0.79 -0.11
C CYS C 208 -3.46 2.06 -0.68
N VAL C 209 -4.24 2.77 -1.49
CA VAL C 209 -3.86 4.07 -2.00
C VAL C 209 -4.55 5.11 -1.12
N CYS C 210 -3.76 5.80 -0.31
CA CYS C 210 -4.28 6.67 0.73
C CYS C 210 -4.18 8.13 0.28
N ARG C 211 -4.51 9.05 1.19
CA ARG C 211 -4.54 10.47 0.91
C ARG C 211 -3.57 11.19 1.82
N ASP C 212 -2.72 12.05 1.24
CA ASP C 212 -1.74 12.82 1.99
C ASP C 212 -2.31 14.21 2.22
N ASN C 213 -2.67 14.51 3.47
CA ASN C 213 -3.25 15.79 3.83
C ASN C 213 -2.23 16.80 4.31
N TRP C 214 -0.95 16.43 4.38
CA TRP C 214 0.08 17.29 4.95
C TRP C 214 0.88 18.02 3.88
N LYS C 215 1.57 17.28 3.02
CA LYS C 215 2.44 17.91 2.02
C LYS C 215 2.31 17.36 0.61
N GLY C 216 1.75 16.16 0.43
CA GLY C 216 1.78 15.48 -0.85
C GLY C 216 0.47 15.63 -1.61
N SER C 217 0.58 16.02 -2.87
CA SER C 217 -0.51 15.90 -3.82
C SER C 217 -0.48 14.57 -4.55
N ASN C 218 0.50 13.72 -4.26
CA ASN C 218 0.58 12.38 -4.81
C ASN C 218 0.17 11.38 -3.73
N ARG C 219 -0.63 10.41 -4.12
CA ARG C 219 -1.24 9.50 -3.16
C ARG C 219 -0.23 8.45 -2.70
N PRO C 220 -0.03 8.28 -1.40
CA PRO C 220 0.83 7.20 -0.93
C PRO C 220 0.21 5.84 -1.17
N ILE C 221 1.06 4.85 -1.38
CA ILE C 221 0.67 3.45 -1.42
C ILE C 221 1.21 2.76 -0.18
N VAL C 222 0.38 1.95 0.45
CA VAL C 222 0.72 1.18 1.63
C VAL C 222 0.41 -0.28 1.33
N ASP C 223 1.45 -1.11 1.31
CA ASP C 223 1.28 -2.54 1.16
C ASP C 223 1.28 -3.19 2.54
N ILE C 224 0.25 -3.99 2.80
CA ILE C 224 0.03 -4.66 4.07
C ILE C 224 0.18 -6.15 3.83
N ASN C 225 1.11 -6.77 4.55
CA ASN C 225 1.33 -8.20 4.45
C ASN C 225 0.55 -8.88 5.57
N VAL C 226 -0.53 -9.58 5.21
CA VAL C 226 -1.37 -10.23 6.21
C VAL C 226 -0.72 -11.46 6.81
N LYS C 227 0.42 -11.91 6.27
CA LYS C 227 1.08 -13.11 6.77
C LYS C 227 2.00 -12.79 7.95
N ASP C 228 2.91 -11.84 7.79
CA ASP C 228 3.86 -11.49 8.84
C ASP C 228 3.67 -10.07 9.35
N TYR C 229 2.57 -9.41 8.99
CA TYR C 229 2.18 -8.13 9.55
C TYR C 229 3.22 -7.03 9.29
N SER C 230 3.85 -7.08 8.12
CA SER C 230 4.81 -6.07 7.71
C SER C 230 4.13 -5.04 6.84
N ILE C 231 4.36 -3.76 7.13
CA ILE C 231 3.74 -2.65 6.42
C ILE C 231 4.84 -1.89 5.70
N VAL C 232 4.67 -1.69 4.40
CA VAL C 232 5.61 -0.90 3.62
C VAL C 232 4.83 0.20 2.91
N SER C 233 5.53 1.26 2.53
CA SER C 233 4.84 2.39 1.93
C SER C 233 5.77 3.16 1.00
N SER C 234 5.17 3.76 -0.01
CA SER C 234 5.85 4.66 -0.94
C SER C 234 4.80 5.65 -1.46
N TYR C 235 5.11 6.33 -2.55
CA TYR C 235 4.15 7.21 -3.21
C TYR C 235 3.94 6.74 -4.64
N VAL C 236 2.98 7.38 -5.32
CA VAL C 236 2.68 7.00 -6.70
C VAL C 236 3.75 7.57 -7.63
N CYS C 237 4.31 6.71 -8.48
CA CYS C 237 5.37 7.14 -9.38
C CYS C 237 4.85 7.93 -10.56
N SER C 238 3.55 7.85 -10.85
CA SER C 238 2.99 8.58 -11.98
C SER C 238 3.05 10.09 -11.73
N GLY C 239 3.46 10.84 -12.75
CA GLY C 239 3.52 12.28 -12.64
C GLY C 239 2.19 12.98 -12.66
N LEU C 240 1.12 12.27 -13.00
CA LEU C 240 -0.24 12.82 -12.96
C LEU C 240 -0.81 12.55 -11.57
N VAL C 241 -0.64 13.53 -10.69
CA VAL C 241 -1.05 13.36 -9.30
C VAL C 241 -2.58 13.36 -9.22
N GLY C 242 -3.13 12.41 -8.46
CA GLY C 242 -4.56 12.23 -8.39
C GLY C 242 -5.23 12.81 -7.17
N ASP C 243 -4.57 13.71 -6.47
CA ASP C 243 -5.10 14.30 -5.24
C ASP C 243 -5.31 15.79 -5.44
N THR C 244 -6.54 16.25 -5.26
CA THR C 244 -6.74 17.69 -5.34
C THR C 244 -6.94 18.27 -3.95
N PRO C 245 -6.43 19.48 -3.65
CA PRO C 245 -5.77 20.44 -4.54
C PRO C 245 -4.40 19.99 -5.01
N ARG C 246 -4.00 20.46 -6.18
CA ARG C 246 -2.73 20.08 -6.79
C ARG C 246 -2.35 21.14 -7.81
N LYS C 247 -1.26 20.90 -8.51
CA LYS C 247 -0.86 21.73 -9.63
C LYS C 247 -1.28 21.06 -10.93
N ASN C 248 -1.41 21.87 -11.98
CA ASN C 248 -1.90 21.33 -13.24
C ASN C 248 -0.87 20.38 -13.86
N ASP C 249 -1.31 19.67 -14.90
CA ASP C 249 -0.51 18.58 -15.46
C ASP C 249 0.86 19.05 -15.97
N SER C 250 0.98 20.33 -16.34
CA SER C 250 2.26 20.82 -16.84
C SER C 250 3.30 20.91 -15.73
N SER C 251 2.90 21.36 -14.54
CA SER C 251 3.83 21.63 -13.45
C SER C 251 3.67 20.67 -12.28
N SER C 252 3.03 19.54 -12.49
CA SER C 252 2.91 18.52 -11.45
C SER C 252 4.04 17.52 -11.57
N SER C 253 4.34 16.85 -10.46
CA SER C 253 5.42 15.87 -10.43
C SER C 253 5.21 14.91 -9.27
N SER C 254 5.82 13.73 -9.39
CA SER C 254 5.77 12.74 -8.32
C SER C 254 6.91 11.76 -8.55
N HIS C 255 7.90 11.77 -7.65
CA HIS C 255 9.05 10.88 -7.74
C HIS C 255 8.92 9.66 -6.85
N CYS C 256 7.76 9.47 -6.22
CA CYS C 256 7.38 8.27 -5.47
C CYS C 256 8.44 7.81 -4.46
N LEU C 257 9.07 8.74 -3.78
CA LEU C 257 9.78 8.46 -2.54
C LEU C 257 9.44 9.43 -1.43
N ASP C 258 9.15 10.68 -1.75
CA ASP C 258 8.74 11.71 -0.82
C ASP C 258 7.52 12.43 -1.38
N PRO C 259 6.72 13.08 -0.53
CA PRO C 259 5.68 13.96 -1.04
C PRO C 259 6.27 15.06 -1.90
N ASN C 260 5.52 15.45 -2.94
CA ASN C 260 6.03 16.40 -3.92
C ASN C 260 5.99 17.85 -3.44
N ASN C 261 5.31 18.12 -2.32
CA ASN C 261 5.21 19.48 -1.77
C ASN C 261 4.61 20.45 -2.79
N GLU C 262 3.63 19.97 -3.55
CA GLU C 262 2.94 20.79 -4.55
C GLU C 262 1.46 20.84 -4.19
N GLU C 263 1.06 21.92 -3.51
CA GLU C 263 -0.33 22.12 -3.09
C GLU C 263 -0.85 20.95 -2.27
N GLY C 264 -0.02 20.44 -1.37
CA GLY C 264 -0.39 19.34 -0.50
C GLY C 264 -1.05 19.75 0.80
N GLY C 265 -1.54 20.99 0.91
CA GLY C 265 -2.09 21.50 2.14
C GLY C 265 -3.49 21.01 2.44
N HIS C 266 -4.02 20.14 1.58
CA HIS C 266 -5.34 19.54 1.76
C HIS C 266 -5.36 18.23 0.99
N GLY C 267 -6.54 17.64 0.84
CA GLY C 267 -6.65 16.39 0.11
C GLY C 267 -8.08 15.95 -0.02
N VAL C 268 -8.27 14.91 -0.83
CA VAL C 268 -9.55 14.25 -1.02
C VAL C 268 -9.28 12.75 -1.02
N LYS C 269 -10.24 11.97 -0.53
CA LYS C 269 -10.11 10.53 -0.62
C LYS C 269 -10.16 10.11 -2.08
N GLY C 270 -9.18 9.30 -2.48
CA GLY C 270 -9.09 8.87 -3.87
C GLY C 270 -8.69 7.42 -3.98
N TRP C 271 -8.34 6.99 -5.20
CA TRP C 271 -8.02 5.60 -5.42
C TRP C 271 -7.04 5.48 -6.59
N ALA C 272 -6.42 4.31 -6.68
CA ALA C 272 -5.53 3.93 -7.78
C ALA C 272 -5.18 2.46 -7.59
N PHE C 273 -4.78 1.82 -8.69
CA PHE C 273 -4.29 0.46 -8.60
C PHE C 273 -3.40 0.18 -9.80
N ASP C 274 -2.66 -0.92 -9.71
CA ASP C 274 -1.61 -1.23 -10.69
C ASP C 274 -2.09 -2.30 -11.66
N ASP C 275 -2.01 -1.99 -12.95
CA ASP C 275 -2.22 -2.95 -14.03
C ASP C 275 -0.86 -3.12 -14.71
N GLY C 276 -0.14 -4.15 -14.28
CA GLY C 276 1.23 -4.32 -14.77
C GLY C 276 2.07 -3.13 -14.34
N ASN C 277 2.78 -2.55 -15.31
CA ASN C 277 3.55 -1.33 -15.05
C ASN C 277 2.70 -0.07 -15.14
N ASP C 278 1.47 -0.17 -15.62
CA ASP C 278 0.59 0.97 -15.74
C ASP C 278 -0.22 1.16 -14.46
N VAL C 279 -0.77 2.35 -14.28
CA VAL C 279 -1.57 2.65 -13.09
C VAL C 279 -2.92 3.20 -13.54
N TRP C 280 -3.99 2.54 -13.10
CA TRP C 280 -5.34 3.08 -13.26
C TRP C 280 -5.64 3.97 -12.07
N MET C 281 -6.13 5.17 -12.34
CA MET C 281 -6.35 6.15 -11.28
C MET C 281 -7.53 7.04 -11.63
N GLY C 282 -8.08 7.68 -10.62
CA GLY C 282 -9.17 8.62 -10.81
C GLY C 282 -8.92 9.90 -10.03
N ARG C 283 -9.30 11.02 -10.62
CA ARG C 283 -9.08 12.31 -10.00
C ARG C 283 -10.10 13.31 -10.51
N THR C 284 -10.35 14.34 -9.71
CA THR C 284 -11.32 15.36 -10.10
C THR C 284 -10.80 16.17 -11.28
N ILE C 285 -11.72 16.70 -12.07
CA ILE C 285 -11.34 17.50 -13.22
C ILE C 285 -10.65 18.78 -12.78
N SER C 286 -11.25 19.49 -11.83
CA SER C 286 -10.66 20.74 -11.35
C SER C 286 -9.45 20.46 -10.49
N GLU C 287 -8.46 21.36 -10.58
CA GLU C 287 -7.24 21.22 -9.80
C GLU C 287 -7.38 21.79 -8.39
N LYS C 288 -8.33 22.70 -8.17
CA LYS C 288 -8.51 23.33 -6.86
C LYS C 288 -9.73 22.81 -6.11
N LEU C 289 -10.87 22.68 -6.78
CA LEU C 289 -12.10 22.21 -6.16
C LEU C 289 -12.34 20.75 -6.50
N ARG C 290 -13.32 20.16 -5.82
CA ARG C 290 -13.74 18.79 -6.10
C ARG C 290 -14.86 18.76 -7.13
N SER C 291 -14.62 19.41 -8.27
CA SER C 291 -15.58 19.49 -9.35
C SER C 291 -15.13 18.60 -10.50
N GLY C 292 -16.02 17.75 -10.97
CA GLY C 292 -15.71 16.83 -12.05
C GLY C 292 -14.94 15.61 -11.56
N TYR C 293 -14.82 14.65 -12.46
CA TYR C 293 -14.10 13.42 -12.15
C TYR C 293 -13.76 12.64 -13.41
N GLU C 294 -12.47 12.38 -13.65
CA GLU C 294 -12.02 11.52 -14.72
C GLU C 294 -11.34 10.29 -14.12
N THR C 295 -11.28 9.23 -14.92
CA THR C 295 -10.47 8.06 -14.64
C THR C 295 -9.65 7.73 -15.86
N PHE C 296 -8.37 7.41 -15.66
CA PHE C 296 -7.50 7.11 -16.78
C PHE C 296 -6.38 6.19 -16.34
N LYS C 297 -5.72 5.59 -17.32
CA LYS C 297 -4.56 4.75 -17.09
C LYS C 297 -3.32 5.50 -17.54
N VAL C 298 -2.33 5.58 -16.66
CA VAL C 298 -1.03 6.17 -16.97
C VAL C 298 -0.08 5.03 -17.32
N ILE C 299 0.52 5.11 -18.50
CA ILE C 299 1.43 4.08 -18.97
C ILE C 299 2.76 4.20 -18.25
N GLU C 300 3.23 3.09 -17.68
CA GLU C 300 4.45 3.07 -16.88
C GLU C 300 4.36 4.03 -15.69
N GLY C 301 3.14 4.33 -15.25
CA GLY C 301 2.95 5.23 -14.13
C GLY C 301 3.12 4.60 -12.77
N TRP C 302 3.19 3.26 -12.71
CA TRP C 302 3.44 2.58 -11.45
C TRP C 302 4.92 2.33 -11.21
N SER C 303 5.67 2.02 -12.27
CA SER C 303 7.09 1.72 -12.15
C SER C 303 7.98 2.91 -12.50
N LYS C 304 7.79 3.51 -13.67
CA LYS C 304 8.62 4.63 -14.09
C LYS C 304 8.19 5.89 -13.35
N PRO C 305 9.09 6.56 -12.62
CA PRO C 305 8.71 7.76 -11.89
C PRO C 305 8.34 8.91 -12.82
N ASN C 306 7.45 9.77 -12.34
CA ASN C 306 7.04 10.99 -13.04
C ASN C 306 6.55 10.70 -14.46
N SER C 307 5.76 9.63 -14.60
CA SER C 307 5.19 9.26 -15.89
C SER C 307 3.92 10.06 -16.13
N LYS C 308 3.83 10.70 -17.30
CA LYS C 308 2.70 11.55 -17.64
C LYS C 308 1.94 11.07 -18.87
N LEU C 309 2.19 9.84 -19.32
CA LEU C 309 1.54 9.31 -20.52
C LEU C 309 0.24 8.64 -20.11
N GLN C 310 -0.87 9.36 -20.23
CA GLN C 310 -2.18 8.84 -19.86
C GLN C 310 -2.91 8.33 -21.10
N ILE C 311 -3.80 7.36 -20.88
CA ILE C 311 -4.54 6.72 -21.97
C ILE C 311 -5.82 6.17 -21.38
N ASN C 312 -6.80 5.89 -22.26
CA ASN C 312 -8.10 5.36 -21.85
C ASN C 312 -8.80 6.29 -20.86
N ARG C 313 -8.68 7.59 -21.08
CA ARG C 313 -9.31 8.56 -20.21
C ARG C 313 -10.83 8.50 -20.36
N GLN C 314 -11.52 8.50 -19.22
CA GLN C 314 -12.97 8.55 -19.18
C GLN C 314 -13.40 9.69 -18.27
N VAL C 315 -14.46 10.39 -18.66
CA VAL C 315 -15.01 11.49 -17.85
C VAL C 315 -16.20 10.92 -17.11
N ILE C 316 -15.99 10.58 -15.83
CA ILE C 316 -17.09 10.06 -15.01
C ILE C 316 -18.08 11.17 -14.71
N VAL C 317 -17.58 12.35 -14.34
CA VAL C 317 -18.41 13.51 -14.05
C VAL C 317 -17.81 14.71 -14.77
N ASP C 318 -18.68 15.50 -15.41
CA ASP C 318 -18.21 16.64 -16.18
C ASP C 318 -17.68 17.74 -15.24
N ARG C 319 -16.95 18.68 -15.84
CA ARG C 319 -16.18 19.65 -15.07
C ARG C 319 -17.08 20.52 -14.19
N GLY C 320 -18.25 20.90 -14.71
CA GLY C 320 -19.11 21.81 -14.01
C GLY C 320 -20.00 21.21 -12.95
N ASN C 321 -19.81 19.93 -12.64
CA ASN C 321 -20.67 19.20 -11.71
C ASN C 321 -19.85 18.68 -10.54
N ARG C 322 -20.38 18.85 -9.33
CA ARG C 322 -19.63 18.58 -8.11
C ARG C 322 -19.35 17.10 -7.94
N SER C 323 -18.16 16.81 -7.40
CA SER C 323 -17.80 15.45 -7.01
C SER C 323 -17.30 15.46 -5.57
N GLY C 324 -16.73 14.35 -5.11
CA GLY C 324 -16.24 14.27 -3.75
C GLY C 324 -15.33 13.09 -3.51
N TYR C 325 -15.48 12.45 -2.35
CA TYR C 325 -14.67 11.29 -2.03
C TYR C 325 -14.91 10.18 -3.04
N SER C 326 -13.83 9.53 -3.45
CA SER C 326 -13.91 8.40 -4.36
C SER C 326 -13.11 7.24 -3.77
N GLY C 327 -13.47 6.03 -4.16
CA GLY C 327 -12.82 4.87 -3.56
C GLY C 327 -12.96 3.65 -4.44
N ILE C 328 -12.21 2.61 -4.08
CA ILE C 328 -12.13 1.39 -4.87
C ILE C 328 -12.55 0.20 -4.01
N PHE C 329 -13.32 -0.70 -4.61
CA PHE C 329 -13.69 -1.98 -4.00
C PHE C 329 -13.55 -3.08 -5.04
N SER C 330 -13.20 -4.27 -4.56
CA SER C 330 -12.93 -5.40 -5.43
C SER C 330 -14.11 -6.38 -5.39
N VAL C 331 -14.52 -6.85 -6.56
CA VAL C 331 -15.61 -7.81 -6.70
C VAL C 331 -15.04 -9.09 -7.28
N GLU C 332 -15.35 -10.22 -6.65
CA GLU C 332 -14.87 -11.51 -7.11
C GLU C 332 -15.69 -11.95 -8.32
N GLY C 333 -15.01 -12.11 -9.46
CA GLY C 333 -15.64 -12.59 -10.66
C GLY C 333 -15.64 -14.11 -10.73
N LYS C 334 -16.02 -14.62 -11.90
CA LYS C 334 -16.00 -16.07 -12.10
C LYS C 334 -14.58 -16.62 -12.01
N SER C 335 -13.61 -15.90 -12.58
CA SER C 335 -12.23 -16.33 -12.55
C SER C 335 -11.24 -15.20 -12.30
N CYS C 336 -11.71 -14.02 -11.92
CA CYS C 336 -10.82 -12.88 -11.72
C CYS C 336 -11.35 -12.00 -10.60
N ILE C 337 -10.56 -11.00 -10.23
CA ILE C 337 -10.92 -10.02 -9.21
C ILE C 337 -11.08 -8.68 -9.91
N ASN C 338 -12.32 -8.32 -10.24
CA ASN C 338 -12.57 -7.05 -10.91
C ASN C 338 -12.44 -5.90 -9.92
N ARG C 339 -11.93 -4.78 -10.41
CA ARG C 339 -11.80 -3.57 -9.61
C ARG C 339 -12.91 -2.60 -10.01
N CYS C 340 -13.64 -2.10 -9.03
CA CYS C 340 -14.67 -1.11 -9.27
C CYS C 340 -14.41 0.09 -8.36
N PHE C 341 -14.96 1.23 -8.76
CA PHE C 341 -14.80 2.43 -7.96
C PHE C 341 -16.14 3.12 -7.81
N TYR C 342 -16.23 3.94 -6.76
CA TYR C 342 -17.39 4.75 -6.49
C TYR C 342 -16.95 6.21 -6.35
N VAL C 343 -17.80 7.10 -6.82
CA VAL C 343 -17.60 8.54 -6.72
C VAL C 343 -18.76 9.13 -5.96
N GLU C 344 -18.46 9.95 -4.95
CA GLU C 344 -19.47 10.66 -4.19
C GLU C 344 -19.67 12.04 -4.80
N LEU C 345 -20.93 12.38 -5.03
CA LEU C 345 -21.32 13.68 -5.58
C LEU C 345 -21.95 14.45 -4.43
N ILE C 346 -21.22 15.46 -3.92
CA ILE C 346 -21.67 16.23 -2.78
C ILE C 346 -22.49 17.42 -3.25
N ARG C 347 -23.58 17.70 -2.55
CA ARG C 347 -24.41 18.86 -2.83
C ARG C 347 -24.78 19.54 -1.52
N GLY C 348 -24.97 20.85 -1.59
CA GLY C 348 -25.33 21.63 -0.42
C GLY C 348 -24.25 22.59 0.03
N ARG C 349 -24.24 22.89 1.33
CA ARG C 349 -23.23 23.79 1.88
C ARG C 349 -21.86 23.14 1.85
N LYS C 350 -20.82 23.98 1.75
CA LYS C 350 -20.87 25.44 1.70
C LYS C 350 -20.70 25.97 0.29
N GLN C 351 -20.51 25.07 -0.67
CA GLN C 351 -20.31 25.49 -2.05
C GLN C 351 -21.59 26.08 -2.64
N GLU C 352 -22.74 25.52 -2.28
CA GLU C 352 -24.04 25.98 -2.76
C GLU C 352 -24.78 26.64 -1.61
N THR C 353 -24.74 27.97 -1.56
CA THR C 353 -25.40 28.72 -0.50
C THR C 353 -26.87 29.01 -0.84
N GLU C 354 -27.60 27.97 -1.21
CA GLU C 354 -29.04 28.04 -1.42
C GLU C 354 -29.81 27.17 -0.44
N VAL C 355 -29.45 25.90 -0.34
CA VAL C 355 -29.99 25.02 0.68
C VAL C 355 -29.13 25.14 1.93
N LEU C 356 -29.65 24.65 3.05
CA LEU C 356 -28.94 24.67 4.32
C LEU C 356 -28.30 23.34 4.69
N TRP C 357 -28.61 22.28 3.95
CA TRP C 357 -28.10 20.95 4.25
C TRP C 357 -26.83 20.68 3.44
N THR C 358 -26.27 19.48 3.64
CA THR C 358 -25.12 19.03 2.86
C THR C 358 -25.23 17.52 2.75
N SER C 359 -25.72 17.05 1.62
CA SER C 359 -25.93 15.62 1.40
C SER C 359 -25.13 15.19 0.17
N ASN C 360 -25.36 13.94 -0.26
CA ASN C 360 -24.57 13.40 -1.35
C ASN C 360 -25.33 12.29 -2.06
N SER C 361 -24.85 11.96 -3.25
CA SER C 361 -25.25 10.75 -3.96
C SER C 361 -23.98 9.98 -4.33
N ILE C 362 -24.15 8.78 -4.84
CA ILE C 362 -23.04 7.93 -5.20
C ILE C 362 -23.26 7.40 -6.61
N VAL C 363 -22.16 7.31 -7.38
CA VAL C 363 -22.19 6.69 -8.70
C VAL C 363 -21.06 5.66 -8.76
N VAL C 364 -21.39 4.43 -9.12
CA VAL C 364 -20.48 3.30 -9.02
C VAL C 364 -20.20 2.77 -10.42
N PHE C 365 -18.93 2.71 -10.78
CA PHE C 365 -18.46 2.13 -12.03
C PHE C 365 -17.65 0.87 -11.71
N CYS C 366 -17.56 -0.03 -12.68
CA CYS C 366 -16.80 -1.26 -12.56
C CYS C 366 -15.89 -1.42 -13.77
N GLY C 367 -14.73 -2.05 -13.57
CA GLY C 367 -13.83 -2.26 -14.69
C GLY C 367 -14.34 -3.35 -15.59
N THR C 368 -14.14 -3.16 -16.90
CA THR C 368 -14.58 -4.11 -17.90
C THR C 368 -13.43 -4.41 -18.86
N SER C 369 -13.37 -5.66 -19.30
CA SER C 369 -12.40 -6.07 -20.31
C SER C 369 -12.92 -5.86 -21.72
N GLY C 370 -14.16 -5.40 -21.87
CA GLY C 370 -14.74 -5.12 -23.16
C GLY C 370 -14.70 -3.64 -23.50
N THR C 371 -15.57 -3.24 -24.41
CA THR C 371 -15.64 -1.87 -24.87
C THR C 371 -16.67 -1.08 -24.06
N TYR C 372 -16.68 0.23 -24.29
CA TYR C 372 -17.56 1.12 -23.56
C TYR C 372 -17.70 2.42 -24.35
N GLY C 373 -18.57 3.30 -23.87
CA GLY C 373 -18.77 4.59 -24.49
C GLY C 373 -18.48 5.74 -23.55
N THR C 374 -18.88 6.95 -23.95
CA THR C 374 -18.68 8.14 -23.14
C THR C 374 -19.98 8.49 -22.41
N GLY C 375 -19.96 9.64 -21.75
CA GLY C 375 -21.13 10.09 -21.00
C GLY C 375 -20.76 10.67 -19.66
N SER C 376 -21.71 11.36 -19.02
CA SER C 376 -21.52 11.93 -17.70
C SER C 376 -22.71 11.56 -16.83
N TRP C 377 -22.44 11.19 -15.58
CA TRP C 377 -23.47 10.76 -14.63
C TRP C 377 -23.36 11.58 -13.36
N PRO C 378 -23.78 12.83 -13.40
CA PRO C 378 -23.69 13.69 -12.22
C PRO C 378 -24.85 13.46 -11.26
N ASP C 379 -24.96 14.32 -10.24
CA ASP C 379 -26.09 14.27 -9.33
C ASP C 379 -27.41 14.39 -10.08
N GLY C 380 -27.52 15.41 -10.94
CA GLY C 380 -28.75 15.65 -11.66
C GLY C 380 -29.85 16.27 -10.85
N ALA C 381 -29.57 16.73 -9.63
CA ALA C 381 -30.57 17.32 -8.76
C ALA C 381 -30.46 18.83 -8.84
N ASP C 382 -31.57 19.48 -9.22
CA ASP C 382 -31.62 20.93 -9.28
C ASP C 382 -31.77 21.49 -7.88
N ILE C 383 -30.80 22.30 -7.44
CA ILE C 383 -30.81 22.81 -6.08
C ILE C 383 -31.97 23.77 -5.83
N ASN C 384 -32.58 24.31 -6.89
CA ASN C 384 -33.70 25.22 -6.71
C ASN C 384 -34.98 24.48 -6.33
N LEU C 385 -35.12 23.22 -6.75
CA LEU C 385 -36.28 22.42 -6.39
C LEU C 385 -36.09 21.63 -5.10
N MET C 386 -34.91 21.68 -4.50
CA MET C 386 -34.68 20.99 -3.24
C MET C 386 -35.16 21.84 -2.06
N PRO C 387 -35.62 21.20 -0.99
CA PRO C 387 -36.03 21.96 0.19
C PRO C 387 -34.85 22.71 0.81
N ILE C 388 -35.14 23.89 1.35
CA ILE C 388 -34.10 24.71 1.95
C ILE C 388 -33.62 24.07 3.25
#